data_5AN4
#
_entry.id   5AN4
#
_cell.length_a   106.071
_cell.length_b   106.071
_cell.length_c   47.287
_cell.angle_alpha   90.00
_cell.angle_beta   90.00
_cell.angle_gamma   120.00
#
_symmetry.space_group_name_H-M   'P 65'
#
loop_
_entity.id
_entity.type
_entity.pdbx_description
1 polymer 'N-GLYCOSYLASE/DNA LYASE'
2 non-polymer 'SULFATE ION'
3 water water
#
_entity_poly.entity_id   1
_entity_poly.type   'polypeptide(L)'
_entity_poly.pdbx_seq_one_letter_code
;GHRTLASTPALWASIPCPRSELRLDLVLPSGQSFRWREQSPAHWSGVLADQVWTLTQTEEQLHCTVYRGDKSQASRPTPD
ELEAVRKYFQLDVTLAQLYHHWGSVDSHFQEVAQKFQGVRLLRQDPIECLFSFICSSNNNIARITGMVERLCQAFGPRLI
QLDDVTYHGFPSLQALAGPEVEAHLRKLGLGYRARYVSASARAILEEQGGLAWLQQLRESSYEEAHKALCILPGVGTKVA
DCICLMALDKPQAVPVDVHMWHIAQRDYSWHPTTSQAKGPSPQTNKELGNFFRSLWGPYAGWAQAVLFSADL
;
_entity_poly.pdbx_strand_id   A
#
loop_
_chem_comp.id
_chem_comp.type
_chem_comp.name
_chem_comp.formula
SO4 non-polymer 'SULFATE ION' 'O4 S -2'
#
# COMPACT_ATOMS: atom_id res chain seq x y z
N GLY A 1 -23.08 -0.91 14.03
CA GLY A 1 -21.98 -1.81 13.58
C GLY A 1 -21.62 -1.58 12.11
N HIS A 2 -20.84 -2.52 11.60
CA HIS A 2 -20.35 -2.45 10.21
C HIS A 2 -21.54 -2.59 9.32
N ARG A 3 -21.61 -1.79 8.28
CA ARG A 3 -22.63 -1.85 7.29
C ARG A 3 -22.39 -2.84 6.22
N THR A 4 -23.49 -3.35 5.64
CA THR A 4 -23.39 -4.10 4.42
C THR A 4 -24.24 -3.33 3.42
N LEU A 5 -24.03 -3.61 2.18
CA LEU A 5 -24.82 -2.98 1.08
C LEU A 5 -26.31 -3.45 1.29
N ALA A 6 -26.46 -4.73 1.60
CA ALA A 6 -27.81 -5.29 1.82
C ALA A 6 -28.54 -4.76 2.97
N SER A 7 -27.86 -4.46 4.05
CA SER A 7 -28.57 -4.05 5.27
C SER A 7 -29.01 -2.60 5.31
N THR A 8 -28.22 -1.72 4.70
CA THR A 8 -28.42 -0.28 4.73
C THR A 8 -28.20 0.40 3.36
N PRO A 9 -28.91 -0.02 2.30
CA PRO A 9 -28.57 0.42 0.97
C PRO A 9 -28.54 1.94 0.78
N ALA A 10 -29.40 2.70 1.52
CA ALA A 10 -29.45 4.14 1.29
C ALA A 10 -28.21 4.89 1.78
N LEU A 11 -27.30 4.23 2.52
CA LEU A 11 -26.08 4.83 2.96
C LEU A 11 -24.90 4.51 2.04
N TRP A 12 -25.15 3.88 0.92
CA TRP A 12 -24.10 3.51 -0.01
C TRP A 12 -24.26 4.31 -1.28
N ALA A 13 -23.14 4.69 -1.89
CA ALA A 13 -23.11 5.29 -3.25
C ALA A 13 -22.11 4.51 -4.11
N SER A 14 -22.28 4.60 -5.40
CA SER A 14 -21.58 3.79 -6.34
C SER A 14 -20.69 4.55 -7.30
N ILE A 15 -19.65 3.80 -7.70
CA ILE A 15 -18.68 4.20 -8.74
C ILE A 15 -18.72 3.19 -9.81
N PRO A 16 -18.95 3.61 -11.05
CA PRO A 16 -18.87 2.59 -12.10
C PRO A 16 -17.50 1.97 -12.20
N CYS A 17 -17.37 0.66 -12.21
CA CYS A 17 -16.12 -0.03 -12.12
C CYS A 17 -16.31 -1.49 -12.37
N PRO A 18 -16.01 -1.96 -13.55
CA PRO A 18 -16.19 -3.39 -13.72
C PRO A 18 -15.28 -4.24 -12.86
N ARG A 19 -15.74 -5.45 -12.48
CA ARG A 19 -14.81 -6.35 -11.84
C ARG A 19 -13.55 -6.66 -12.66
N SER A 20 -13.58 -6.55 -13.98
CA SER A 20 -12.34 -6.57 -14.75
C SER A 20 -11.28 -5.48 -14.41
N GLU A 21 -11.71 -4.34 -13.87
CA GLU A 21 -10.81 -3.32 -13.52
C GLU A 21 -10.37 -3.40 -12.04
N LEU A 22 -11.13 -4.09 -11.21
CA LEU A 22 -10.81 -4.10 -9.77
C LEU A 22 -11.39 -5.31 -9.08
N ARG A 23 -10.55 -6.03 -8.34
CA ARG A 23 -10.98 -7.09 -7.48
C ARG A 23 -10.52 -6.80 -6.04
N LEU A 24 -11.43 -6.31 -5.22
CA LEU A 24 -11.04 -5.93 -3.85
C LEU A 24 -10.34 -7.08 -3.11
N ASP A 25 -10.87 -8.29 -3.22
CA ASP A 25 -10.31 -9.40 -2.44
C ASP A 25 -8.93 -9.76 -2.88
N LEU A 26 -8.54 -9.35 -4.09
CA LEU A 26 -7.21 -9.63 -4.59
C LEU A 26 -6.26 -8.50 -4.35
N VAL A 27 -6.76 -7.34 -3.97
CA VAL A 27 -5.96 -6.13 -3.73
C VAL A 27 -5.77 -5.75 -2.30
N LEU A 28 -6.87 -5.61 -1.55
CA LEU A 28 -6.74 -5.05 -0.18
C LEU A 28 -5.98 -5.91 0.84
N PRO A 29 -5.95 -7.25 0.70
CA PRO A 29 -5.20 -8.04 1.71
C PRO A 29 -3.86 -8.57 1.15
N SER A 30 -3.41 -8.04 0.02
CA SER A 30 -2.27 -8.55 -0.76
C SER A 30 -0.90 -7.98 -0.41
N GLY A 31 -0.80 -7.16 0.63
CA GLY A 31 0.51 -6.62 1.03
C GLY A 31 0.91 -5.27 0.56
N GLN A 32 -0.04 -4.51 0.03
CA GLN A 32 0.18 -3.11 -0.34
C GLN A 32 -0.23 -2.19 0.83
N SER A 33 -1.52 -2.21 1.18
CA SER A 33 -2.07 -1.53 2.38
C SER A 33 -2.38 -2.61 3.40
N PHE A 34 -2.19 -2.24 4.64
CA PHE A 34 -2.45 -3.15 5.74
C PHE A 34 -3.65 -2.73 6.55
N ARG A 35 -4.50 -1.84 6.04
CA ARG A 35 -5.53 -1.20 6.85
C ARG A 35 -6.94 -1.76 6.62
N TRP A 36 -7.08 -2.86 5.87
CA TRP A 36 -8.38 -3.34 5.46
C TRP A 36 -8.66 -4.70 6.03
N ARG A 37 -9.91 -4.97 6.35
CA ARG A 37 -10.35 -6.28 6.78
C ARG A 37 -11.70 -6.61 6.23
N GLU A 38 -11.93 -7.89 5.92
CA GLU A 38 -13.21 -8.33 5.39
C GLU A 38 -14.15 -8.65 6.55
N GLN A 39 -14.74 -7.63 7.16
CA GLN A 39 -15.49 -7.86 8.39
C GLN A 39 -16.80 -8.53 8.14
N SER A 40 -17.31 -8.42 6.94
CA SER A 40 -18.53 -9.14 6.49
C SER A 40 -18.10 -9.73 5.13
N PRO A 41 -18.60 -10.91 4.71
CA PRO A 41 -18.18 -11.47 3.41
C PRO A 41 -18.35 -10.47 2.26
N ALA A 42 -17.29 -10.29 1.51
CA ALA A 42 -17.21 -9.43 0.35
C ALA A 42 -17.25 -7.95 0.68
N HIS A 43 -17.18 -7.62 1.98
CA HIS A 43 -17.16 -6.22 2.44
C HIS A 43 -15.87 -5.92 3.19
N TRP A 44 -15.13 -4.94 2.66
CA TRP A 44 -13.83 -4.55 3.20
C TRP A 44 -13.92 -3.20 3.91
N SER A 45 -13.62 -3.22 5.19
CA SER A 45 -13.67 -2.04 6.03
C SER A 45 -12.26 -1.60 6.35
N GLY A 46 -12.03 -0.31 6.39
CA GLY A 46 -10.68 0.17 6.72
C GLY A 46 -10.63 1.65 6.74
N VAL A 47 -9.45 2.18 6.88
CA VAL A 47 -9.26 3.67 6.96
C VAL A 47 -8.65 4.20 5.72
N LEU A 48 -9.30 5.20 5.11
CA LEU A 48 -8.85 5.76 3.90
C LEU A 48 -8.97 7.22 4.16
N ALA A 49 -7.81 7.86 4.33
CA ALA A 49 -7.77 9.28 4.70
C ALA A 49 -8.21 9.66 6.12
N ASP A 50 -7.86 8.88 7.10
CA ASP A 50 -8.34 9.15 8.42
C ASP A 50 -9.90 9.22 8.35
N GLN A 51 -10.57 8.44 7.44
CA GLN A 51 -11.99 8.08 7.69
C GLN A 51 -12.23 6.59 7.51
N VAL A 52 -13.24 6.04 8.19
CA VAL A 52 -13.52 4.62 8.04
C VAL A 52 -14.51 4.47 6.90
N TRP A 53 -14.20 3.53 6.01
CA TRP A 53 -15.06 3.17 4.88
C TRP A 53 -15.35 1.70 4.90
N THR A 54 -16.46 1.32 4.28
CA THR A 54 -16.65 -0.06 3.88
C THR A 54 -16.89 -0.04 2.35
N LEU A 55 -16.30 -1.01 1.66
CA LEU A 55 -16.34 -1.15 0.24
C LEU A 55 -16.87 -2.52 -0.13
N THR A 56 -17.65 -2.60 -1.20
CA THR A 56 -18.05 -3.93 -1.74
C THR A 56 -18.37 -3.78 -3.20
N GLN A 57 -18.30 -4.87 -3.95
CA GLN A 57 -18.58 -4.73 -5.36
C GLN A 57 -19.68 -5.60 -5.90
N THR A 58 -20.34 -5.12 -6.91
CA THR A 58 -21.15 -5.94 -7.78
C THR A 58 -20.45 -6.01 -9.12
N GLU A 59 -21.12 -6.56 -10.14
CA GLU A 59 -20.44 -6.84 -11.38
C GLU A 59 -19.90 -5.60 -12.10
N GLU A 60 -20.62 -4.52 -12.02
CA GLU A 60 -20.22 -3.35 -12.75
C GLU A 60 -19.96 -2.17 -11.87
N GLN A 61 -20.01 -2.34 -10.52
CA GLN A 61 -19.93 -1.20 -9.64
C GLN A 61 -19.12 -1.44 -8.43
N LEU A 62 -18.45 -0.39 -7.99
CA LEU A 62 -17.86 -0.34 -6.64
C LEU A 62 -18.76 0.44 -5.72
N HIS A 63 -19.30 -0.17 -4.69
CA HIS A 63 -20.20 0.48 -3.77
C HIS A 63 -19.40 0.85 -2.53
N CYS A 64 -19.69 2.06 -2.00
CA CYS A 64 -18.93 2.62 -0.95
C CYS A 64 -19.81 3.24 0.10
N THR A 65 -19.36 3.19 1.34
CA THR A 65 -20.03 3.86 2.44
C THR A 65 -19.00 4.41 3.40
N VAL A 66 -19.28 5.55 4.04
CA VAL A 66 -18.35 6.18 4.93
C VAL A 66 -19.02 6.48 6.24
N TYR A 67 -18.27 6.29 7.33
CA TYR A 67 -18.82 6.44 8.67
C TYR A 67 -18.44 7.81 9.21
N ARG A 68 -19.40 8.60 9.57
CA ARG A 68 -19.07 9.99 9.98
C ARG A 68 -19.10 10.26 11.44
N GLY A 69 -19.50 9.33 12.26
CA GLY A 69 -19.60 9.59 13.70
C GLY A 69 -20.74 10.49 14.11
N ASP A 70 -20.71 10.98 15.34
CA ASP A 70 -21.82 11.65 15.95
C ASP A 70 -21.93 13.12 15.62
N LYS A 71 -20.94 13.65 14.91
CA LYS A 71 -21.01 15.07 14.56
C LYS A 71 -21.78 15.39 13.33
N SER A 72 -22.07 14.40 12.53
CA SER A 72 -22.68 14.67 11.28
C SER A 72 -23.77 13.65 11.01
N GLN A 73 -24.79 14.04 10.26
CA GLN A 73 -25.80 13.09 9.94
C GLN A 73 -25.25 12.01 9.02
N ALA A 74 -25.73 10.81 9.21
CA ALA A 74 -25.31 9.70 8.29
C ALA A 74 -25.85 9.95 6.88
N SER A 75 -24.97 9.81 5.92
CA SER A 75 -25.34 10.10 4.49
C SER A 75 -24.38 9.38 3.61
N ARG A 76 -24.84 9.07 2.42
CA ARG A 76 -23.99 8.47 1.35
C ARG A 76 -22.76 9.32 1.09
N PRO A 77 -21.66 8.70 0.67
CA PRO A 77 -20.52 9.46 0.22
C PRO A 77 -20.94 10.52 -0.80
N THR A 78 -20.36 11.69 -0.66
CA THR A 78 -20.54 12.76 -1.71
C THR A 78 -19.68 12.49 -2.95
N PRO A 79 -19.97 13.20 -4.07
CA PRO A 79 -19.10 13.00 -5.22
C PRO A 79 -17.62 13.20 -5.01
N ASP A 80 -17.22 14.19 -4.17
CA ASP A 80 -15.82 14.42 -3.93
C ASP A 80 -15.22 13.30 -3.10
N GLU A 81 -15.98 12.77 -2.15
CA GLU A 81 -15.51 11.60 -1.38
C GLU A 81 -15.30 10.39 -2.28
N LEU A 82 -16.20 10.13 -3.16
CA LEU A 82 -16.10 9.06 -4.09
C LEU A 82 -14.86 9.27 -5.03
N GLU A 83 -14.59 10.52 -5.43
CA GLU A 83 -13.39 10.77 -6.21
C GLU A 83 -12.14 10.41 -5.48
N ALA A 84 -12.12 10.65 -4.17
CA ALA A 84 -11.01 10.24 -3.31
C ALA A 84 -10.79 8.72 -3.37
N VAL A 85 -11.86 7.99 -3.36
CA VAL A 85 -11.79 6.53 -3.49
C VAL A 85 -11.26 6.18 -4.89
N ARG A 86 -11.75 6.83 -5.92
CA ARG A 86 -11.25 6.57 -7.26
C ARG A 86 -9.76 6.82 -7.34
N LYS A 87 -9.30 7.88 -6.69
CA LYS A 87 -7.85 8.25 -6.73
C LYS A 87 -7.05 7.20 -5.98
N TYR A 88 -7.60 6.68 -4.87
CA TYR A 88 -6.92 5.66 -4.11
C TYR A 88 -6.68 4.41 -4.92
N PHE A 89 -7.68 4.05 -5.72
CA PHE A 89 -7.61 2.89 -6.54
C PHE A 89 -7.02 3.20 -7.92
N GLN A 90 -6.72 4.45 -8.19
CA GLN A 90 -6.11 4.90 -9.48
C GLN A 90 -6.99 4.50 -10.66
N LEU A 91 -8.31 4.70 -10.50
CA LEU A 91 -9.24 4.22 -11.44
C LEU A 91 -9.24 4.93 -12.79
N ASP A 92 -8.56 6.07 -12.88
CA ASP A 92 -8.38 6.68 -14.20
C ASP A 92 -7.45 5.89 -15.11
N VAL A 93 -6.60 5.02 -14.53
CA VAL A 93 -5.75 4.12 -15.38
C VAL A 93 -6.57 2.96 -15.83
N THR A 94 -6.54 2.69 -17.14
CA THR A 94 -7.26 1.57 -17.67
C THR A 94 -6.39 0.28 -17.46
N LEU A 95 -6.75 -0.56 -16.50
CA LEU A 95 -5.99 -1.78 -16.22
C LEU A 95 -5.96 -2.70 -17.39
N ALA A 96 -7.04 -2.78 -18.12
CA ALA A 96 -7.03 -3.66 -19.33
C ALA A 96 -5.87 -3.42 -20.32
N GLN A 97 -5.42 -2.15 -20.50
CA GLN A 97 -4.38 -1.72 -21.40
C GLN A 97 -3.10 -2.32 -20.79
N LEU A 98 -2.93 -2.18 -19.49
CA LEU A 98 -1.72 -2.67 -18.86
C LEU A 98 -1.64 -4.17 -18.89
N TYR A 99 -2.71 -4.87 -18.52
CA TYR A 99 -2.71 -6.27 -18.58
C TYR A 99 -2.37 -6.80 -19.99
N HIS A 100 -2.97 -6.20 -21.02
CA HIS A 100 -2.66 -6.63 -22.39
C HIS A 100 -1.19 -6.41 -22.71
N HIS A 101 -0.60 -5.30 -22.26
CA HIS A 101 0.80 -5.05 -22.56
C HIS A 101 1.66 -6.09 -21.87
N TRP A 102 1.46 -6.25 -20.55
CA TRP A 102 2.27 -7.15 -19.76
C TRP A 102 2.16 -8.59 -20.26
N GLY A 103 0.95 -8.99 -20.65
CA GLY A 103 0.80 -10.38 -21.23
C GLY A 103 1.47 -10.51 -22.60
N SER A 104 1.58 -9.43 -23.33
CA SER A 104 2.20 -9.46 -24.63
C SER A 104 3.67 -9.67 -24.60
N VAL A 105 4.30 -9.28 -23.52
CA VAL A 105 5.75 -9.40 -23.35
C VAL A 105 6.13 -10.55 -22.40
N ASP A 106 5.16 -11.25 -21.84
CA ASP A 106 5.44 -12.19 -20.69
C ASP A 106 4.31 -13.26 -20.61
N SER A 107 4.60 -14.46 -21.13
CA SER A 107 3.64 -15.50 -21.15
C SER A 107 3.27 -15.97 -19.78
N HIS A 108 4.23 -15.96 -18.87
CA HIS A 108 3.89 -16.35 -17.49
C HIS A 108 2.91 -15.37 -16.90
N PHE A 109 3.14 -14.09 -17.12
CA PHE A 109 2.17 -13.09 -16.65
C PHE A 109 0.80 -13.37 -17.24
N GLN A 110 0.71 -13.62 -18.53
CA GLN A 110 -0.56 -13.85 -19.16
C GLN A 110 -1.27 -15.02 -18.54
N GLU A 111 -0.51 -16.07 -18.17
CA GLU A 111 -1.13 -17.22 -17.49
C GLU A 111 -1.71 -16.85 -16.14
N VAL A 112 -0.95 -16.15 -15.32
CA VAL A 112 -1.37 -15.78 -14.00
C VAL A 112 -2.53 -14.82 -14.05
N ALA A 113 -2.55 -13.97 -15.05
CA ALA A 113 -3.60 -12.92 -15.17
C ALA A 113 -4.96 -13.51 -15.43
N GLN A 114 -5.05 -14.68 -16.05
CA GLN A 114 -6.32 -15.33 -16.28
C GLN A 114 -7.09 -15.53 -14.97
N LYS A 115 -6.44 -15.99 -13.94
CA LYS A 115 -7.14 -16.06 -12.64
C LYS A 115 -7.12 -14.73 -11.86
N PHE A 116 -5.99 -14.03 -11.91
CA PHE A 116 -5.86 -12.83 -11.07
C PHE A 116 -6.11 -11.56 -11.83
N GLN A 117 -7.37 -11.37 -12.15
CA GLN A 117 -7.88 -10.17 -12.78
C GLN A 117 -8.14 -9.03 -11.77
N GLY A 118 -8.06 -7.82 -12.27
CA GLY A 118 -8.39 -6.64 -11.49
C GLY A 118 -7.49 -6.30 -10.32
N VAL A 119 -6.22 -6.72 -10.41
CA VAL A 119 -5.25 -6.37 -9.39
C VAL A 119 -4.66 -5.02 -9.75
N ARG A 120 -5.00 -4.02 -8.95
CA ARG A 120 -4.56 -2.64 -9.07
C ARG A 120 -3.57 -2.27 -7.97
N LEU A 121 -2.84 -1.18 -8.25
CA LEU A 121 -1.86 -0.70 -7.30
C LEU A 121 -2.48 0.49 -6.64
N LEU A 122 -2.57 0.45 -5.31
CA LEU A 122 -3.19 1.56 -4.60
C LEU A 122 -2.28 2.75 -4.58
N ARG A 123 -2.90 3.90 -4.43
CA ARG A 123 -2.16 5.18 -4.26
C ARG A 123 -2.33 5.58 -2.83
N GLN A 124 -1.33 5.37 -2.04
CA GLN A 124 -1.34 5.56 -0.61
C GLN A 124 -0.76 6.88 -0.22
N ASP A 125 -1.16 7.32 0.97
CA ASP A 125 -0.62 8.52 1.57
C ASP A 125 0.81 8.28 1.91
N PRO A 126 1.70 9.29 1.62
CA PRO A 126 3.14 9.10 1.85
C PRO A 126 3.49 8.81 3.32
N ILE A 127 2.87 9.48 4.31
CA ILE A 127 3.22 9.22 5.75
C ILE A 127 2.85 7.83 6.11
N GLU A 128 1.63 7.45 5.79
CA GLU A 128 1.14 6.15 6.12
C GLU A 128 1.99 5.06 5.51
N CYS A 129 2.30 5.21 4.21
CA CYS A 129 3.16 4.19 3.58
C CYS A 129 4.57 4.10 4.15
N LEU A 130 5.18 5.25 4.30
CA LEU A 130 6.54 5.30 4.86
C LEU A 130 6.61 4.64 6.18
N PHE A 131 5.77 5.05 7.11
CA PHE A 131 5.88 4.50 8.45
C PHE A 131 5.32 3.10 8.58
N SER A 132 4.44 2.68 7.72
CA SER A 132 4.02 1.27 7.74
C SER A 132 5.20 0.39 7.36
N PHE A 133 5.93 0.78 6.32
CA PHE A 133 7.04 -0.05 5.88
C PHE A 133 8.30 0.07 6.71
N ILE A 134 8.45 1.17 7.43
CA ILE A 134 9.52 1.32 8.43
C ILE A 134 9.23 0.44 9.66
N CYS A 135 7.97 0.28 10.08
CA CYS A 135 7.70 -0.19 11.44
C CYS A 135 7.91 -1.70 11.59
N SER A 136 8.01 -2.46 10.49
CA SER A 136 8.07 -3.88 10.62
C SER A 136 8.82 -4.39 9.43
N SER A 137 9.45 -5.56 9.54
CA SER A 137 9.93 -6.19 8.31
C SER A 137 8.61 -6.53 7.55
N ASN A 138 8.74 -6.72 6.29
CA ASN A 138 7.64 -7.09 5.51
C ASN A 138 7.82 -8.56 5.14
N ASN A 139 8.35 -9.37 6.01
CA ASN A 139 8.48 -10.79 5.69
C ASN A 139 7.18 -11.56 5.67
N ASN A 140 6.20 -11.16 6.47
CA ASN A 140 4.86 -11.83 6.53
C ASN A 140 3.79 -10.77 6.62
N ILE A 141 2.82 -10.87 5.72
CA ILE A 141 1.72 -9.90 5.71
C ILE A 141 1.02 -9.88 7.04
N ALA A 142 0.84 -11.05 7.67
CA ALA A 142 0.15 -11.04 8.95
C ALA A 142 0.89 -10.27 10.03
N ARG A 143 2.21 -10.39 10.06
CA ARG A 143 3.02 -9.66 11.02
C ARG A 143 2.99 -8.16 10.83
N ILE A 144 3.23 -7.72 9.62
CA ILE A 144 3.22 -6.29 9.39
C ILE A 144 1.82 -5.74 9.64
N THR A 145 0.79 -6.48 9.25
CA THR A 145 -0.59 -6.03 9.49
C THR A 145 -0.81 -5.77 10.97
N GLY A 146 -0.35 -6.71 11.79
CA GLY A 146 -0.47 -6.60 13.26
C GLY A 146 0.29 -5.48 13.79
N MET A 147 1.52 -5.26 13.29
CA MET A 147 2.34 -4.15 13.79
C MET A 147 1.77 -2.81 13.45
N VAL A 148 1.26 -2.73 12.24
CA VAL A 148 0.64 -1.44 11.81
C VAL A 148 -0.57 -1.16 12.66
N GLU A 149 -1.37 -2.16 12.93
CA GLU A 149 -2.58 -2.01 13.81
C GLU A 149 -2.18 -1.52 15.16
N ARG A 150 -1.11 -2.09 15.70
CA ARG A 150 -0.64 -1.64 17.01
C ARG A 150 -0.13 -0.20 16.98
N LEU A 151 0.59 0.18 15.97
CA LEU A 151 1.09 1.52 15.82
C LEU A 151 -0.05 2.50 15.75
N CYS A 152 -1.08 2.20 14.94
CA CYS A 152 -2.15 3.13 14.88
C CYS A 152 -2.99 3.22 16.16
N GLN A 153 -3.12 2.13 16.87
CA GLN A 153 -3.82 2.12 18.15
C GLN A 153 -3.09 2.93 19.17
N ALA A 154 -1.78 2.83 19.11
CA ALA A 154 -0.89 3.60 20.02
C ALA A 154 -0.80 5.07 19.84
N PHE A 155 -0.68 5.51 18.59
CA PHE A 155 -0.43 6.89 18.32
C PHE A 155 -1.33 7.58 17.32
N GLY A 156 -2.38 6.90 16.92
CA GLY A 156 -3.35 7.44 15.95
C GLY A 156 -4.62 7.85 16.62
N PRO A 157 -5.25 8.92 16.09
CA PRO A 157 -6.52 9.33 16.67
C PRO A 157 -7.62 8.28 16.56
N ARG A 158 -8.42 8.11 17.60
CA ARG A 158 -9.54 7.24 17.59
C ARG A 158 -10.62 7.79 16.69
N LEU A 159 -10.99 7.03 15.65
CA LEU A 159 -12.02 7.54 14.70
C LEU A 159 -13.44 7.15 15.07
N ILE A 160 -13.67 5.87 15.32
CA ILE A 160 -14.98 5.32 15.60
C ILE A 160 -14.84 3.85 16.03
N GLN A 161 -15.83 3.35 16.75
CA GLN A 161 -15.97 1.93 17.05
C GLN A 161 -17.14 1.37 16.33
N LEU A 162 -16.93 0.26 15.63
CA LEU A 162 -17.98 -0.48 14.93
C LEU A 162 -17.88 -1.89 15.42
N ASP A 163 -19.01 -2.40 15.99
CA ASP A 163 -19.02 -3.71 16.64
C ASP A 163 -17.87 -3.77 17.66
N ASP A 164 -16.95 -4.73 17.55
CA ASP A 164 -15.84 -4.83 18.53
C ASP A 164 -14.55 -4.17 18.05
N VAL A 165 -14.64 -3.37 16.98
CA VAL A 165 -13.41 -2.87 16.29
C VAL A 165 -13.29 -1.38 16.49
N THR A 166 -12.19 -0.92 17.12
CA THR A 166 -11.92 0.51 17.23
C THR A 166 -10.92 0.93 16.17
N TYR A 167 -11.36 1.79 15.27
CA TYR A 167 -10.49 2.21 14.15
C TYR A 167 -9.77 3.45 14.52
N HIS A 168 -8.47 3.50 14.19
CA HIS A 168 -7.63 4.67 14.40
C HIS A 168 -7.09 5.26 13.08
N GLY A 169 -6.91 6.56 13.07
CA GLY A 169 -6.22 7.27 12.03
C GLY A 169 -4.74 6.85 12.08
N PHE A 170 -4.08 7.12 10.99
CA PHE A 170 -2.65 6.87 10.98
C PHE A 170 -1.99 7.95 11.83
N PRO A 171 -0.97 7.58 12.57
CA PRO A 171 -0.34 8.62 13.38
C PRO A 171 0.24 9.79 12.59
N SER A 172 0.20 10.95 13.26
CA SER A 172 0.80 12.17 12.70
C SER A 172 2.34 12.18 12.94
N LEU A 173 3.19 12.94 12.19
CA LEU A 173 4.65 13.13 12.58
C LEU A 173 4.83 13.53 14.00
N GLN A 174 4.03 14.50 14.42
CA GLN A 174 4.21 15.05 15.74
C GLN A 174 4.01 13.97 16.80
N ALA A 175 3.00 13.12 16.61
CA ALA A 175 2.76 12.02 17.51
C ALA A 175 4.01 11.08 17.54
N LEU A 176 4.58 10.80 16.36
CA LEU A 176 5.57 9.74 16.22
C LEU A 176 6.99 10.23 16.61
N ALA A 177 7.13 11.56 16.63
CA ALA A 177 8.35 12.28 16.99
C ALA A 177 8.46 12.53 18.49
N GLY A 178 7.50 12.04 19.31
CA GLY A 178 7.53 12.29 20.74
C GLY A 178 8.63 11.61 21.52
N PRO A 179 8.89 12.09 22.75
CA PRO A 179 9.75 11.26 23.60
C PRO A 179 8.90 10.06 23.93
N GLU A 180 9.54 8.96 24.24
CA GLU A 180 8.82 7.78 24.70
C GLU A 180 8.17 6.94 23.61
N VAL A 181 8.17 7.40 22.35
CA VAL A 181 7.58 6.62 21.26
C VAL A 181 8.26 5.24 21.13
N GLU A 182 9.59 5.21 21.06
CA GLU A 182 10.33 3.96 20.90
C GLU A 182 9.97 2.97 21.98
N ALA A 183 10.11 3.43 23.22
CA ALA A 183 9.86 2.56 24.34
C ALA A 183 8.45 2.04 24.31
N HIS A 184 7.49 2.91 23.99
CA HIS A 184 6.11 2.44 24.00
C HIS A 184 5.85 1.47 22.86
N LEU A 185 6.48 1.70 21.69
CA LEU A 185 6.32 0.71 20.62
C LEU A 185 6.98 -0.65 20.93
N ARG A 186 8.13 -0.64 21.61
CA ARG A 186 8.76 -1.89 21.98
C ARG A 186 7.89 -2.64 23.00
N LYS A 187 7.31 -1.90 23.94
CA LYS A 187 6.35 -2.47 24.92
C LYS A 187 5.19 -3.19 24.23
N LEU A 188 4.79 -2.73 23.03
CA LEU A 188 3.72 -3.37 22.23
C LEU A 188 4.22 -4.48 21.29
N GLY A 189 5.52 -4.66 21.22
CA GLY A 189 6.08 -5.81 20.53
C GLY A 189 6.74 -5.55 19.22
N LEU A 190 6.96 -4.26 18.89
CA LEU A 190 7.60 -3.86 17.61
C LEU A 190 9.11 -4.12 17.54
N GLY A 191 9.83 -4.14 18.66
CA GLY A 191 11.26 -4.51 18.52
C GLY A 191 12.08 -3.41 17.90
N TYR A 192 13.25 -3.72 17.31
CA TYR A 192 14.25 -2.63 17.10
C TYR A 192 13.78 -1.53 16.13
N ARG A 193 12.86 -1.91 15.26
CA ARG A 193 12.39 -0.91 14.26
C ARG A 193 11.57 0.18 14.88
N ALA A 194 11.15 -0.03 16.13
CA ALA A 194 10.54 1.08 16.90
C ALA A 194 11.46 2.30 16.93
N ARG A 195 12.77 2.10 16.97
CA ARG A 195 13.68 3.23 16.98
C ARG A 195 13.64 4.03 15.68
N TYR A 196 13.46 3.33 14.57
CA TYR A 196 13.43 3.97 13.28
C TYR A 196 12.17 4.77 13.10
N VAL A 197 11.06 4.33 13.67
CA VAL A 197 9.81 5.06 13.60
C VAL A 197 10.01 6.42 14.24
N SER A 198 10.54 6.43 15.46
CA SER A 198 10.82 7.66 16.17
C SER A 198 11.82 8.55 15.50
N ALA A 199 12.96 7.99 15.12
CA ALA A 199 14.00 8.79 14.50
C ALA A 199 13.67 9.39 13.15
N SER A 200 12.90 8.63 12.34
CA SER A 200 12.55 9.13 11.05
C SER A 200 11.53 10.25 11.19
N ALA A 201 10.59 10.09 12.15
CA ALA A 201 9.60 11.17 12.38
C ALA A 201 10.32 12.48 12.79
N ARG A 202 11.25 12.32 13.72
CA ARG A 202 12.05 13.47 14.17
C ARG A 202 12.90 14.03 13.06
N ALA A 203 13.51 13.17 12.23
CA ALA A 203 14.26 13.66 11.10
C ALA A 203 13.43 14.50 10.17
N ILE A 204 12.22 14.04 9.83
CA ILE A 204 11.43 14.75 8.87
C ILE A 204 10.95 16.10 9.47
N LEU A 205 10.46 16.02 10.68
CA LEU A 205 10.00 17.22 11.40
C LEU A 205 11.09 18.26 11.73
N GLU A 206 12.24 17.80 12.20
CA GLU A 206 13.29 18.70 12.68
C GLU A 206 14.28 19.13 11.59
N GLU A 207 14.57 18.26 10.64
CA GLU A 207 15.74 18.45 9.73
C GLU A 207 15.36 18.68 8.31
N GLN A 208 14.17 18.24 7.89
CA GLN A 208 13.77 18.29 6.47
C GLN A 208 12.63 19.23 6.22
N GLY A 209 12.27 20.01 7.21
CA GLY A 209 11.22 21.01 7.03
C GLY A 209 9.81 20.47 7.01
N GLY A 210 9.62 19.31 7.60
CA GLY A 210 8.28 18.79 7.90
C GLY A 210 7.73 18.01 6.75
N LEU A 211 6.43 17.77 6.83
CA LEU A 211 5.63 17.03 5.89
C LEU A 211 5.79 17.40 4.42
N ALA A 212 5.88 18.70 4.14
CA ALA A 212 6.08 19.16 2.77
C ALA A 212 7.25 18.44 2.04
N TRP A 213 8.30 18.14 2.78
CA TRP A 213 9.49 17.48 2.18
C TRP A 213 9.11 16.18 1.50
N LEU A 214 8.32 15.44 2.24
CA LEU A 214 7.89 14.14 1.85
C LEU A 214 6.86 14.25 0.74
N GLN A 215 5.90 15.15 0.90
CA GLN A 215 4.92 15.41 -0.15
C GLN A 215 5.48 15.87 -1.48
N GLN A 216 6.52 16.73 -1.46
CA GLN A 216 7.24 17.17 -2.63
C GLN A 216 7.84 16.01 -3.43
N LEU A 217 8.12 14.89 -2.77
CA LEU A 217 8.77 13.73 -3.48
C LEU A 217 7.80 13.11 -4.49
N ARG A 218 6.48 13.32 -4.31
CA ARG A 218 5.54 12.85 -5.32
C ARG A 218 5.82 13.54 -6.65
N GLU A 219 6.11 14.85 -6.62
CA GLU A 219 6.40 15.56 -7.84
C GLU A 219 7.84 15.34 -8.38
N SER A 220 8.79 15.02 -7.52
CA SER A 220 10.19 14.80 -7.83
C SER A 220 10.36 13.49 -8.61
N SER A 221 11.45 13.40 -9.36
CA SER A 221 11.76 12.19 -10.11
C SER A 221 11.92 10.98 -9.18
N TYR A 222 11.74 9.79 -9.74
CA TYR A 222 12.05 8.57 -9.04
C TYR A 222 13.42 8.57 -8.43
N GLU A 223 14.41 9.04 -9.21
CA GLU A 223 15.76 9.13 -8.72
C GLU A 223 15.89 10.03 -7.54
N GLU A 224 15.26 11.22 -7.56
CA GLU A 224 15.41 12.16 -6.43
C GLU A 224 14.68 11.64 -5.15
N ALA A 225 13.47 11.08 -5.38
CA ALA A 225 12.67 10.58 -4.31
C ALA A 225 13.33 9.42 -3.60
N HIS A 226 13.91 8.48 -4.37
CA HIS A 226 14.54 7.33 -3.78
C HIS A 226 15.73 7.76 -2.92
N LYS A 227 16.56 8.63 -3.49
CA LYS A 227 17.72 9.13 -2.76
C LYS A 227 17.32 9.86 -1.51
N ALA A 228 16.31 10.72 -1.59
CA ALA A 228 15.82 11.49 -0.46
C ALA A 228 15.34 10.54 0.65
N LEU A 229 14.60 9.51 0.30
CA LEU A 229 14.11 8.61 1.33
C LEU A 229 15.15 7.81 2.06
N CYS A 230 16.16 7.40 1.32
CA CYS A 230 17.29 6.66 1.87
C CYS A 230 18.07 7.40 2.94
N ILE A 231 17.97 8.72 3.02
CA ILE A 231 18.53 9.47 4.19
C ILE A 231 17.87 9.05 5.53
N LEU A 232 16.64 8.51 5.52
CA LEU A 232 15.91 8.29 6.77
C LEU A 232 16.31 7.01 7.48
N PRO A 233 16.40 7.06 8.82
CA PRO A 233 16.62 5.84 9.61
C PRO A 233 15.53 4.77 9.38
N GLY A 234 15.96 3.55 9.02
CA GLY A 234 15.10 2.45 8.77
C GLY A 234 14.77 2.29 7.30
N VAL A 235 15.14 3.26 6.44
CA VAL A 235 14.81 3.16 4.98
C VAL A 235 16.05 2.82 4.17
N GLY A 236 16.08 1.63 3.57
CA GLY A 236 17.10 1.33 2.59
C GLY A 236 16.45 1.19 1.23
N THR A 237 17.17 0.55 0.34
CA THR A 237 16.78 0.59 -1.07
C THR A 237 15.36 0.01 -1.26
N LYS A 238 15.09 -1.16 -0.66
CA LYS A 238 13.79 -1.82 -0.91
C LYS A 238 12.62 -1.01 -0.33
N VAL A 239 12.75 -0.58 0.91
CA VAL A 239 11.65 0.27 1.46
C VAL A 239 11.46 1.53 0.69
N ALA A 240 12.56 2.18 0.32
CA ALA A 240 12.45 3.38 -0.47
C ALA A 240 11.71 3.05 -1.77
N ASP A 241 12.05 1.95 -2.44
CA ASP A 241 11.31 1.57 -3.64
C ASP A 241 9.80 1.31 -3.34
N CYS A 242 9.50 0.63 -2.23
CA CYS A 242 8.09 0.44 -1.86
C CYS A 242 7.32 1.74 -1.79
N ILE A 243 7.93 2.71 -1.12
CA ILE A 243 7.28 3.98 -0.95
C ILE A 243 7.10 4.74 -2.25
N CYS A 244 8.17 4.70 -3.08
CA CYS A 244 8.13 5.33 -4.36
C CYS A 244 6.95 4.81 -5.21
N LEU A 245 6.85 3.46 -5.24
CA LEU A 245 5.80 2.77 -6.00
C LEU A 245 4.40 3.08 -5.51
N MET A 246 4.27 2.95 -4.19
CA MET A 246 2.96 2.82 -3.58
C MET A 246 2.42 4.11 -3.06
N ALA A 247 3.23 5.15 -2.92
CA ALA A 247 2.74 6.45 -2.43
C ALA A 247 3.32 7.66 -3.12
N LEU A 248 4.45 7.53 -3.88
CA LEU A 248 5.01 8.67 -4.57
C LEU A 248 4.82 8.71 -6.10
N ASP A 249 3.88 7.92 -6.63
CA ASP A 249 3.50 7.94 -8.00
C ASP A 249 4.69 7.63 -8.94
N LYS A 250 5.46 6.63 -8.58
CA LYS A 250 6.56 6.06 -9.45
C LYS A 250 6.22 4.64 -9.81
N PRO A 251 5.35 4.42 -10.79
CA PRO A 251 4.92 3.04 -11.10
C PRO A 251 5.99 2.17 -11.60
N GLN A 252 7.09 2.78 -12.06
CA GLN A 252 8.21 2.02 -12.59
C GLN A 252 9.03 1.38 -11.52
N ALA A 253 8.90 1.79 -10.26
CA ALA A 253 9.70 1.21 -9.21
C ALA A 253 9.37 -0.24 -8.95
N VAL A 254 10.40 -1.07 -8.77
CA VAL A 254 10.21 -2.48 -8.54
C VAL A 254 11.00 -2.90 -7.30
N PRO A 255 10.33 -2.95 -6.16
CA PRO A 255 11.07 -3.31 -4.97
C PRO A 255 11.56 -4.75 -5.00
N VAL A 256 12.83 -4.95 -4.62
CA VAL A 256 13.44 -6.28 -4.75
C VAL A 256 13.85 -6.78 -3.36
N ASP A 257 13.32 -7.94 -3.02
CA ASP A 257 13.66 -8.70 -1.76
C ASP A 257 13.70 -10.16 -2.11
N VAL A 258 13.82 -11.01 -1.09
CA VAL A 258 13.91 -12.45 -1.32
C VAL A 258 12.64 -12.97 -2.05
N HIS A 259 11.47 -12.35 -1.80
CA HIS A 259 10.27 -12.73 -2.46
C HIS A 259 10.39 -12.53 -3.95
N MET A 260 10.84 -11.38 -4.41
CA MET A 260 11.01 -11.15 -5.81
C MET A 260 12.06 -12.06 -6.44
N TRP A 261 13.15 -12.34 -5.73
CA TRP A 261 14.09 -13.27 -6.23
C TRP A 261 13.44 -14.59 -6.44
N HIS A 262 12.58 -15.01 -5.53
CA HIS A 262 11.96 -16.33 -5.66
C HIS A 262 11.09 -16.35 -6.88
N ILE A 263 10.31 -15.33 -7.07
CA ILE A 263 9.53 -15.29 -8.31
C ILE A 263 10.42 -15.26 -9.56
N ALA A 264 11.49 -14.48 -9.54
CA ALA A 264 12.39 -14.47 -10.67
C ALA A 264 12.97 -15.81 -10.97
N GLN A 265 13.34 -16.56 -9.97
CA GLN A 265 13.92 -17.90 -10.24
C GLN A 265 12.86 -18.91 -10.58
N ARG A 266 11.80 -19.00 -9.76
CA ARG A 266 10.76 -19.99 -9.97
C ARG A 266 10.07 -19.87 -11.35
N ASP A 267 9.71 -18.62 -11.71
CA ASP A 267 8.83 -18.36 -12.81
C ASP A 267 9.55 -17.85 -14.07
N TYR A 268 10.79 -17.39 -13.96
CA TYR A 268 11.57 -16.81 -15.05
C TYR A 268 12.93 -17.46 -15.24
N SER A 269 13.38 -18.31 -14.31
CA SER A 269 14.72 -18.94 -14.42
C SER A 269 15.76 -17.88 -14.52
N TRP A 270 15.57 -16.75 -13.84
CA TRP A 270 16.46 -15.61 -14.02
C TRP A 270 17.77 -15.83 -13.23
N HIS A 271 18.89 -15.44 -13.84
CA HIS A 271 20.18 -15.34 -13.08
C HIS A 271 20.80 -14.00 -13.37
N PRO A 272 21.55 -13.40 -12.39
CA PRO A 272 22.23 -12.18 -12.68
C PRO A 272 23.37 -12.35 -13.68
N THR A 273 23.62 -11.32 -14.51
CA THR A 273 24.74 -11.31 -15.46
C THR A 273 25.68 -10.12 -15.30
N THR A 274 25.24 -9.03 -14.66
CA THR A 274 26.13 -7.90 -14.25
C THR A 274 27.06 -8.23 -13.08
N SER A 275 26.46 -8.71 -11.98
CA SER A 275 27.16 -8.91 -10.71
C SER A 275 28.02 -10.17 -10.73
N GLN A 276 29.01 -10.22 -9.84
CA GLN A 276 29.73 -11.44 -9.55
C GLN A 276 28.81 -12.34 -8.73
N ALA A 277 28.01 -11.73 -7.84
CA ALA A 277 27.15 -12.47 -6.90
C ALA A 277 26.11 -13.43 -7.54
N LYS A 278 25.85 -14.55 -6.86
CA LYS A 278 24.77 -15.48 -7.27
C LYS A 278 23.44 -15.16 -6.60
N GLY A 279 23.48 -14.35 -5.54
CA GLY A 279 22.35 -14.17 -4.68
C GLY A 279 22.13 -12.71 -4.38
N PRO A 280 21.12 -12.42 -3.61
CA PRO A 280 20.82 -11.06 -3.27
C PRO A 280 22.04 -10.27 -2.82
N SER A 281 22.18 -9.09 -3.41
CA SER A 281 23.20 -8.12 -3.00
C SER A 281 22.78 -6.77 -3.58
N PRO A 282 23.39 -5.66 -3.14
CA PRO A 282 22.98 -4.41 -3.73
C PRO A 282 23.06 -4.39 -5.25
N GLN A 283 24.13 -4.95 -5.81
CA GLN A 283 24.29 -4.88 -7.27
C GLN A 283 23.33 -5.86 -7.98
N THR A 284 23.15 -7.04 -7.43
CA THR A 284 22.29 -8.03 -8.10
C THR A 284 20.81 -7.63 -7.91
N ASN A 285 20.50 -7.01 -6.79
CA ASN A 285 19.15 -6.53 -6.62
C ASN A 285 18.80 -5.44 -7.55
N LYS A 286 19.75 -4.55 -7.81
CA LYS A 286 19.52 -3.49 -8.82
C LYS A 286 19.33 -4.13 -10.20
N GLU A 287 20.14 -5.06 -10.56
CA GLU A 287 20.04 -5.70 -11.81
C GLU A 287 18.64 -6.32 -12.04
N LEU A 288 18.15 -6.95 -10.96
CA LEU A 288 16.87 -7.66 -11.00
C LEU A 288 15.76 -6.69 -11.21
N GLY A 289 15.80 -5.61 -10.48
CA GLY A 289 14.77 -4.65 -10.68
C GLY A 289 14.76 -4.06 -12.11
N ASN A 290 15.98 -3.74 -12.60
CA ASN A 290 16.08 -3.14 -13.94
C ASN A 290 15.59 -4.15 -14.92
N PHE A 291 15.82 -5.44 -14.68
CA PHE A 291 15.29 -6.50 -15.57
C PHE A 291 13.81 -6.48 -15.77
N PHE A 292 13.08 -6.40 -14.66
CA PHE A 292 11.64 -6.36 -14.71
C PHE A 292 11.15 -5.03 -15.22
N ARG A 293 11.83 -3.90 -14.89
CA ARG A 293 11.44 -2.65 -15.55
C ARG A 293 11.58 -2.70 -17.02
N SER A 294 12.68 -3.25 -17.50
CA SER A 294 12.88 -3.39 -18.91
C SER A 294 11.88 -4.30 -19.55
N LEU A 295 11.51 -5.38 -18.86
CA LEU A 295 10.55 -6.34 -19.46
C LEU A 295 9.15 -5.71 -19.55
N TRP A 296 8.70 -5.17 -18.44
CA TRP A 296 7.27 -4.88 -18.32
C TRP A 296 6.96 -3.40 -18.71
N GLY A 297 7.92 -2.50 -18.65
CA GLY A 297 7.71 -1.13 -19.04
C GLY A 297 7.48 -0.21 -17.88
N PRO A 298 6.99 0.94 -18.18
CA PRO A 298 6.92 2.02 -17.17
C PRO A 298 5.96 1.77 -15.96
N TYR A 299 5.09 0.77 -16.05
CA TYR A 299 4.25 0.37 -14.99
C TYR A 299 4.68 -0.98 -14.36
N ALA A 300 5.98 -1.24 -14.38
CA ALA A 300 6.51 -2.53 -13.92
C ALA A 300 6.15 -2.85 -12.51
N GLY A 301 6.10 -1.85 -11.65
CA GLY A 301 5.74 -2.10 -10.26
C GLY A 301 4.30 -2.57 -10.11
N TRP A 302 3.43 -2.08 -10.97
CA TRP A 302 2.06 -2.57 -10.99
C TRP A 302 1.99 -4.02 -11.46
N ALA A 303 2.77 -4.43 -12.43
CA ALA A 303 2.79 -5.77 -12.88
C ALA A 303 3.25 -6.70 -11.75
N GLN A 304 4.28 -6.23 -11.00
CA GLN A 304 4.78 -6.98 -9.84
C GLN A 304 3.58 -7.28 -8.87
N ALA A 305 2.78 -6.26 -8.61
CA ALA A 305 1.66 -6.43 -7.71
C ALA A 305 0.69 -7.53 -8.12
N VAL A 306 0.47 -7.70 -9.43
CA VAL A 306 -0.37 -8.80 -9.91
C VAL A 306 0.29 -10.12 -9.51
N LEU A 307 1.60 -10.25 -9.74
CA LEU A 307 2.25 -11.49 -9.42
C LEU A 307 2.25 -11.75 -7.92
N PHE A 308 2.44 -10.72 -7.08
CA PHE A 308 2.33 -10.87 -5.65
C PHE A 308 0.94 -11.26 -5.19
N SER A 309 -0.12 -10.70 -5.79
CA SER A 309 -1.50 -11.16 -5.43
C SER A 309 -1.65 -12.62 -5.76
N ALA A 310 -1.13 -13.07 -6.88
CA ALA A 310 -1.30 -14.44 -7.30
C ALA A 310 -0.52 -15.41 -6.40
N ASP A 311 0.57 -14.91 -5.80
CA ASP A 311 1.49 -15.78 -5.00
C ASP A 311 1.00 -16.00 -3.63
N LEU A 312 0.05 -15.23 -3.15
CA LEU A 312 -0.37 -15.33 -1.72
C LEU A 312 -0.79 -16.70 -1.23
S SO4 B . 8.47 0.07 -23.00
O1 SO4 B . 9.57 -0.15 -24.00
O2 SO4 B . 8.66 -1.05 -22.01
O3 SO4 B . 8.52 1.50 -22.61
O4 SO4 B . 7.14 -0.30 -23.65
S SO4 C . 14.20 -7.73 -21.20
O1 SO4 C . 15.32 -7.33 -20.19
O2 SO4 C . 14.72 -7.62 -22.61
O3 SO4 C . 13.81 -9.26 -20.86
O4 SO4 C . 13.16 -6.82 -21.05
#